data_6UCC
#
_entry.id   6UCC
#
_cell.length_a   66.854
_cell.length_b   66.854
_cell.length_c   158.920
_cell.angle_alpha   90.000
_cell.angle_beta   90.000
_cell.angle_gamma   90.000
#
_symmetry.space_group_name_H-M   'P 41 21 2'
#
loop_
_entity.id
_entity.type
_entity.pdbx_description
1 polymer 'Parkin coregulated gene protein'
2 polymer 'Meiosis expressed gene 1 protein homolog'
3 non-polymer DI(HYDROXYETHYL)ETHER
4 non-polymer 'TETRAETHYLENE GLYCOL'
5 non-polymer 'PHOSPHATE ION'
6 water water
#
loop_
_entity_poly.entity_id
_entity_poly.type
_entity_poly.pdbx_seq_one_letter_code
_entity_poly.pdbx_strand_id
1 'polypeptide(L)'
;MVAEKETLSLNKCPDKMPKRTKLLAQQPLPVHQPHSLVSEGFTVKAMMKNSVVRGPPAAGAFKERPTKPTAFRKFYERGD
FPIALEHDSKGNKIAWKVEIEKLDYHHYLPLFFDGLCEMTFPYEFFARQGIHDMLEHGGNKILPVLPQLIIPIKNALNLR
NRQVICVTLKVLQHLVVSAEMVGKALVPYYRQILPVLNIFKNMNVNSGDGIDYSQQKRENIGDLIQETLEAFERYGGENA
FINIKYVVPTYESCLLN
;
A
2 'polypeptide(L)'
;GPLGSMASSDVKPKSVSHAKKWSEEIENLYRFQQAGYRDETEYRQVKQVSMVDRWPETGYVKKLQRRDNTFYYYNKQREC
DDKEVHKVKIYAY
;
B
#
# COMPACT_ATOMS: atom_id res chain seq x y z
N THR A 70 -10.36 -11.26 14.28
CA THR A 70 -9.63 -10.46 15.27
C THR A 70 -8.27 -11.07 15.66
N ALA A 71 -7.71 -11.97 14.85
CA ALA A 71 -6.29 -12.26 15.00
C ALA A 71 -5.47 -11.00 14.81
N PHE A 72 -6.00 -10.03 14.07
CA PHE A 72 -5.31 -8.76 13.91
C PHE A 72 -5.39 -7.93 15.19
N ARG A 73 -6.54 -7.92 15.86
CA ARG A 73 -6.67 -7.22 17.13
C ARG A 73 -5.66 -7.74 18.15
N LYS A 74 -5.35 -9.03 18.11
CA LYS A 74 -4.31 -9.54 18.99
C LYS A 74 -2.93 -9.16 18.46
N PHE A 75 -2.73 -9.26 17.15
CA PHE A 75 -1.50 -8.77 16.53
C PHE A 75 -1.25 -7.31 16.88
N TYR A 76 -2.27 -6.48 16.71
CA TYR A 76 -2.22 -5.08 17.11
C TYR A 76 -1.77 -5.00 18.56
N GLU A 77 -0.95 -4.01 18.86
CA GLU A 77 -0.54 -3.79 20.25
C GLU A 77 0.18 -5.02 20.83
N ARG A 78 0.51 -6.01 20.01
CA ARG A 78 1.40 -7.06 20.48
C ARG A 78 2.81 -6.54 20.40
N GLY A 79 3.77 -7.39 20.74
CA GLY A 79 5.16 -6.94 20.74
C GLY A 79 5.69 -6.90 19.32
N ASP A 80 5.50 -7.99 18.59
CA ASP A 80 5.92 -8.06 17.20
C ASP A 80 5.20 -7.07 16.29
N PHE A 81 4.21 -6.31 16.78
CA PHE A 81 3.52 -5.41 15.87
C PHE A 81 4.52 -4.40 15.33
N PRO A 82 4.71 -4.31 14.02
CA PRO A 82 5.84 -3.57 13.46
C PRO A 82 5.59 -2.10 13.14
N ILE A 83 4.40 -1.58 13.43
CA ILE A 83 4.06 -0.17 13.19
C ILE A 83 4.03 0.57 14.53
N ALA A 84 4.55 1.79 14.53
CA ALA A 84 4.50 2.64 15.70
C ALA A 84 3.11 3.26 15.83
N LEU A 85 2.50 3.12 17.01
CA LEU A 85 1.15 3.63 17.23
C LEU A 85 1.24 5.09 17.65
N GLU A 86 1.50 5.94 16.66
CA GLU A 86 1.57 7.38 16.85
C GLU A 86 1.00 8.05 15.62
N HIS A 87 0.38 9.21 15.83
CA HIS A 87 -0.19 10.00 14.74
C HIS A 87 0.54 11.34 14.67
N ASP A 88 1.27 11.56 13.58
CA ASP A 88 1.88 12.85 13.30
C ASP A 88 0.88 13.72 12.57
N SER A 89 0.80 14.98 12.97
CA SER A 89 -0.16 15.90 12.36
C SER A 89 0.07 16.04 10.87
N LYS A 90 1.34 15.94 10.43
CA LYS A 90 1.75 16.28 9.08
C LYS A 90 1.09 15.42 7.99
N GLY A 91 0.40 14.34 8.36
CA GLY A 91 -0.28 13.56 7.36
C GLY A 91 -0.97 12.36 7.94
N ASN A 92 -1.10 11.33 7.09
CA ASN A 92 -1.61 10.03 7.49
C ASN A 92 -0.61 8.93 7.18
N LYS A 93 0.67 9.26 7.02
CA LYS A 93 1.67 8.21 6.92
C LYS A 93 1.71 7.43 8.22
N ILE A 94 2.07 6.16 8.12
CA ILE A 94 2.31 5.33 9.31
C ILE A 94 3.80 5.17 9.47
N ALA A 95 4.22 5.18 10.73
CA ALA A 95 5.62 5.07 11.12
C ALA A 95 5.93 3.60 11.40
N TRP A 96 6.81 3.02 10.60
CA TRP A 96 7.23 1.65 10.82
C TRP A 96 8.36 1.61 11.84
N LYS A 97 8.16 0.82 12.90
CA LYS A 97 9.22 0.55 13.86
C LYS A 97 10.34 -0.25 13.22
N VAL A 98 10.00 -1.19 12.35
CA VAL A 98 10.96 -2.04 11.66
C VAL A 98 10.91 -1.68 10.19
N GLU A 99 12.00 -1.94 9.47
CA GLU A 99 11.95 -1.73 8.02
C GLU A 99 11.15 -2.84 7.35
N ILE A 100 10.26 -2.42 6.43
CA ILE A 100 9.41 -3.39 5.75
C ILE A 100 10.27 -4.44 5.06
N GLU A 101 11.39 -4.02 4.46
CA GLU A 101 12.23 -4.95 3.69
C GLU A 101 12.67 -6.13 4.52
N LYS A 102 12.79 -5.94 5.84
CA LYS A 102 13.36 -6.97 6.72
C LYS A 102 12.32 -7.87 7.35
N LEU A 103 11.03 -7.58 7.17
CA LEU A 103 9.99 -8.41 7.76
C LEU A 103 9.89 -9.72 7.02
N ASP A 104 9.57 -10.78 7.76
CA ASP A 104 9.26 -12.07 7.15
C ASP A 104 7.80 -12.04 6.68
N TYR A 105 7.59 -11.77 5.39
CA TYR A 105 6.23 -11.70 4.88
C TYR A 105 5.42 -12.97 5.13
N HIS A 106 6.09 -14.12 5.36
CA HIS A 106 5.33 -15.34 5.66
C HIS A 106 4.51 -15.16 6.92
N HIS A 107 5.02 -14.37 7.88
CA HIS A 107 4.42 -14.09 9.18
C HIS A 107 3.57 -12.82 9.18
N TYR A 108 4.01 -11.74 8.53
CA TYR A 108 3.37 -10.44 8.71
C TYR A 108 2.23 -10.18 7.73
N LEU A 109 2.47 -10.42 6.44
CA LEU A 109 1.45 -10.12 5.44
C LEU A 109 0.13 -10.86 5.69
N PRO A 110 0.11 -12.15 6.05
CA PRO A 110 -1.18 -12.78 6.39
C PRO A 110 -1.88 -12.16 7.60
N LEU A 111 -1.12 -11.77 8.63
CA LEU A 111 -1.70 -11.06 9.77
C LEU A 111 -2.33 -9.74 9.35
N PHE A 112 -1.66 -8.98 8.49
CA PHE A 112 -2.23 -7.72 8.07
C PHE A 112 -3.48 -7.94 7.22
N PHE A 113 -3.48 -8.99 6.39
CA PHE A 113 -4.66 -9.35 5.61
C PHE A 113 -5.80 -9.84 6.51
N ASP A 114 -5.47 -10.56 7.59
CA ASP A 114 -6.46 -10.86 8.62
C ASP A 114 -7.16 -9.61 9.14
N GLY A 115 -6.56 -8.44 8.96
CA GLY A 115 -7.24 -7.21 9.32
C GLY A 115 -8.25 -6.69 8.30
N LEU A 116 -8.31 -7.28 7.09
CA LEU A 116 -9.32 -6.87 6.12
C LEU A 116 -10.72 -6.96 6.69
N CYS A 117 -10.94 -7.80 7.69
CA CYS A 117 -12.26 -7.88 8.32
C CYS A 117 -12.52 -6.73 9.27
N GLU A 118 -11.47 -6.04 9.72
CA GLU A 118 -11.61 -5.00 10.72
C GLU A 118 -12.36 -3.79 10.18
N MET A 119 -13.29 -3.27 10.99
CA MET A 119 -14.02 -2.06 10.65
C MET A 119 -13.99 -1.03 11.77
N THR A 120 -13.56 -1.41 12.98
CA THR A 120 -13.50 -0.46 14.10
C THR A 120 -12.26 0.44 14.00
N PHE A 121 -12.40 1.68 14.49
CA PHE A 121 -11.57 2.79 14.02
C PHE A 121 -10.07 2.55 14.14
N PRO A 122 -9.48 2.35 15.32
CA PRO A 122 -8.01 2.26 15.34
C PRO A 122 -7.49 1.15 14.44
N TYR A 123 -8.08 -0.05 14.54
CA TYR A 123 -7.54 -1.22 13.86
C TYR A 123 -7.60 -1.06 12.34
N GLU A 124 -8.76 -0.67 11.81
CA GLU A 124 -8.97 -0.69 10.36
C GLU A 124 -7.95 0.16 9.64
N PHE A 125 -7.51 1.26 10.26
CA PHE A 125 -6.54 2.14 9.63
C PHE A 125 -5.17 1.47 9.52
N PHE A 126 -4.70 0.85 10.61
CA PHE A 126 -3.38 0.25 10.60
C PHE A 126 -3.35 -1.03 9.77
N ALA A 127 -4.50 -1.71 9.64
CA ALA A 127 -4.63 -2.84 8.73
C ALA A 127 -4.50 -2.40 7.28
N ARG A 128 -5.28 -1.40 6.87
CA ARG A 128 -5.30 -0.96 5.48
C ARG A 128 -3.97 -0.33 5.07
N GLN A 129 -3.52 0.68 5.83
CA GLN A 129 -2.23 1.31 5.53
C GLN A 129 -1.10 0.31 5.67
N GLY A 130 -1.23 -0.63 6.61
CA GLY A 130 -0.23 -1.69 6.74
C GLY A 130 -0.15 -2.55 5.49
N ILE A 131 -1.29 -3.06 5.02
CA ILE A 131 -1.35 -3.79 3.74
C ILE A 131 -0.79 -2.94 2.60
N HIS A 132 -1.16 -1.65 2.56
CA HIS A 132 -0.74 -0.82 1.43
C HIS A 132 0.77 -0.76 1.31
N ASP A 133 1.46 -0.41 2.40
CA ASP A 133 2.91 -0.28 2.35
C ASP A 133 3.58 -1.61 2.05
N MET A 134 3.11 -2.70 2.67
CA MET A 134 3.75 -3.98 2.45
C MET A 134 3.58 -4.46 1.01
N LEU A 135 2.43 -4.15 0.38
CA LEU A 135 2.28 -4.51 -1.02
C LEU A 135 3.10 -3.57 -1.91
N GLU A 136 3.16 -2.28 -1.55
CA GLU A 136 3.90 -1.32 -2.35
C GLU A 136 5.40 -1.58 -2.31
N HIS A 137 5.91 -2.08 -1.18
CA HIS A 137 7.35 -2.27 -0.99
C HIS A 137 7.73 -3.74 -0.81
N GLY A 138 6.81 -4.67 -1.04
CA GLY A 138 7.11 -6.08 -0.83
C GLY A 138 8.00 -6.68 -1.91
N GLY A 139 7.81 -6.28 -3.16
CA GLY A 139 8.66 -6.81 -4.22
C GLY A 139 8.53 -8.30 -4.32
N ASN A 140 9.66 -9.01 -4.33
CA ASN A 140 9.68 -10.46 -4.52
C ASN A 140 9.33 -11.23 -3.26
N LYS A 141 8.91 -10.54 -2.20
CA LYS A 141 8.48 -11.16 -0.97
C LYS A 141 7.00 -11.51 -0.96
N ILE A 142 6.24 -11.00 -1.93
CA ILE A 142 4.78 -11.11 -1.93
C ILE A 142 4.33 -12.43 -2.55
N LEU A 143 4.82 -12.73 -3.75
CA LEU A 143 4.50 -13.99 -4.42
C LEU A 143 4.70 -15.20 -3.53
N PRO A 144 5.84 -15.42 -2.86
CA PRO A 144 6.01 -16.65 -2.06
C PRO A 144 4.97 -16.78 -0.96
N VAL A 145 4.27 -15.71 -0.62
CA VAL A 145 3.32 -15.69 0.48
C VAL A 145 1.88 -15.76 -0.01
N LEU A 146 1.65 -15.60 -1.32
CA LEU A 146 0.28 -15.57 -1.83
C LEU A 146 -0.61 -16.69 -1.31
N PRO A 147 -0.17 -17.96 -1.24
CA PRO A 147 -1.07 -19.01 -0.72
C PRO A 147 -1.66 -18.71 0.64
N GLN A 148 -0.89 -18.04 1.52
CA GLN A 148 -1.34 -17.75 2.87
C GLN A 148 -2.37 -16.64 2.94
N LEU A 149 -2.60 -15.90 1.85
CA LEU A 149 -3.56 -14.80 1.84
C LEU A 149 -4.97 -15.22 1.42
N ILE A 150 -5.14 -16.42 0.84
CA ILE A 150 -6.43 -16.76 0.23
C ILE A 150 -7.52 -16.89 1.29
N ILE A 151 -7.22 -17.57 2.41
CA ILE A 151 -8.19 -17.64 3.50
C ILE A 151 -8.54 -16.28 4.06
N PRO A 152 -7.61 -15.37 4.34
CA PRO A 152 -8.04 -14.04 4.81
C PRO A 152 -8.88 -13.28 3.80
N ILE A 153 -8.51 -13.34 2.51
CA ILE A 153 -9.32 -12.69 1.47
C ILE A 153 -10.72 -13.29 1.44
N LYS A 154 -10.80 -14.62 1.38
CA LYS A 154 -12.10 -15.28 1.38
C LYS A 154 -12.95 -14.84 2.56
N ASN A 155 -12.38 -14.90 3.78
CA ASN A 155 -13.13 -14.56 4.99
C ASN A 155 -13.66 -13.12 4.98
N ALA A 156 -12.85 -12.17 4.54
CA ALA A 156 -13.32 -10.80 4.48
C ALA A 156 -14.50 -10.67 3.53
N LEU A 157 -14.36 -11.22 2.32
CA LEU A 157 -15.43 -11.13 1.34
C LEU A 157 -16.69 -11.83 1.82
N ASN A 158 -16.55 -12.97 2.47
CA ASN A 158 -17.69 -13.76 2.90
C ASN A 158 -18.48 -13.12 4.04
N LEU A 159 -17.98 -12.03 4.62
CA LEU A 159 -18.80 -11.28 5.55
C LEU A 159 -20.03 -10.66 4.88
N ARG A 160 -19.98 -10.51 3.56
CA ARG A 160 -21.03 -9.83 2.80
C ARG A 160 -21.30 -8.44 3.34
N ASN A 161 -20.27 -7.84 3.93
CA ASN A 161 -20.26 -6.42 4.25
C ASN A 161 -19.76 -5.66 3.05
N ARG A 162 -20.55 -4.67 2.61
CA ARG A 162 -20.20 -3.90 1.42
C ARG A 162 -18.90 -3.12 1.60
N GLN A 163 -18.62 -2.66 2.82
CA GLN A 163 -17.43 -1.84 2.98
C GLN A 163 -16.18 -2.70 3.08
N VAL A 164 -16.28 -3.85 3.74
CA VAL A 164 -15.16 -4.78 3.73
C VAL A 164 -14.90 -5.26 2.30
N ILE A 165 -15.95 -5.49 1.52
CA ILE A 165 -15.75 -5.97 0.16
C ILE A 165 -15.09 -4.92 -0.72
N CYS A 166 -15.44 -3.64 -0.52
N CYS A 166 -15.43 -3.64 -0.53
CA CYS A 166 -14.81 -2.58 -1.31
CA CYS A 166 -14.79 -2.60 -1.33
C CYS A 166 -13.33 -2.43 -0.96
C CYS A 166 -13.32 -2.43 -0.97
N VAL A 167 -13.02 -2.39 0.33
CA VAL A 167 -11.63 -2.30 0.75
C VAL A 167 -10.84 -3.50 0.24
N THR A 168 -11.43 -4.70 0.35
CA THR A 168 -10.75 -5.91 -0.13
C THR A 168 -10.55 -5.88 -1.63
N LEU A 169 -11.52 -5.32 -2.38
CA LEU A 169 -11.39 -5.33 -3.84
C LEU A 169 -10.27 -4.41 -4.29
N LYS A 170 -10.24 -3.17 -3.76
CA LYS A 170 -9.10 -2.28 -3.98
C LYS A 170 -7.78 -2.95 -3.60
N VAL A 171 -7.78 -3.74 -2.52
CA VAL A 171 -6.54 -4.43 -2.13
C VAL A 171 -6.19 -5.52 -3.13
N LEU A 172 -7.19 -6.31 -3.54
CA LEU A 172 -6.93 -7.32 -4.58
C LEU A 172 -6.38 -6.66 -5.84
N GLN A 173 -6.93 -5.52 -6.24
CA GLN A 173 -6.35 -4.81 -7.37
C GLN A 173 -4.87 -4.52 -7.14
N HIS A 174 -4.54 -4.00 -5.94
CA HIS A 174 -3.15 -3.71 -5.60
C HIS A 174 -2.31 -4.99 -5.59
N LEU A 175 -2.87 -6.08 -5.05
CA LEU A 175 -2.14 -7.34 -4.96
C LEU A 175 -1.60 -7.79 -6.31
N VAL A 176 -2.45 -7.84 -7.33
CA VAL A 176 -2.05 -8.44 -8.61
C VAL A 176 -1.13 -7.54 -9.42
N VAL A 177 -0.95 -6.27 -9.01
CA VAL A 177 0.04 -5.41 -9.64
C VAL A 177 1.26 -5.17 -8.75
N SER A 178 1.31 -5.77 -7.56
CA SER A 178 2.40 -5.47 -6.62
C SER A 178 3.72 -6.15 -6.97
N ALA A 179 3.72 -7.12 -7.89
CA ALA A 179 4.91 -7.92 -8.19
C ALA A 179 4.60 -8.89 -9.32
N GLU A 180 5.62 -9.21 -10.11
CA GLU A 180 5.47 -10.11 -11.25
C GLU A 180 4.90 -11.45 -10.79
N MET A 181 3.97 -11.98 -11.59
CA MET A 181 3.42 -13.33 -11.46
C MET A 181 2.36 -13.47 -10.37
N VAL A 182 2.18 -12.46 -9.52
CA VAL A 182 1.13 -12.52 -8.51
C VAL A 182 -0.23 -12.68 -9.18
N GLY A 183 -0.49 -11.89 -10.21
CA GLY A 183 -1.77 -11.99 -10.89
C GLY A 183 -2.02 -13.36 -11.50
N LYS A 184 -1.01 -13.96 -12.12
CA LYS A 184 -1.17 -15.31 -12.67
C LYS A 184 -1.34 -16.33 -11.57
N ALA A 185 -0.52 -16.26 -10.51
CA ALA A 185 -0.61 -17.18 -9.39
C ALA A 185 -1.94 -17.08 -8.64
N LEU A 186 -2.71 -16.01 -8.85
CA LEU A 186 -4.00 -15.89 -8.19
C LEU A 186 -5.09 -16.70 -8.90
N VAL A 187 -4.87 -17.04 -10.17
CA VAL A 187 -5.92 -17.72 -10.94
C VAL A 187 -6.41 -19.01 -10.28
N PRO A 188 -5.54 -19.89 -9.76
CA PRO A 188 -6.06 -21.14 -9.17
C PRO A 188 -6.96 -20.93 -7.98
N TYR A 189 -7.10 -19.71 -7.48
CA TYR A 189 -7.91 -19.45 -6.30
C TYR A 189 -9.15 -18.64 -6.60
N TYR A 190 -9.40 -18.30 -7.86
CA TYR A 190 -10.63 -17.61 -8.24
C TYR A 190 -11.85 -18.32 -7.65
N ARG A 191 -11.89 -19.64 -7.70
CA ARG A 191 -13.09 -20.30 -7.23
C ARG A 191 -13.24 -20.19 -5.72
N GLN A 192 -12.18 -19.82 -5.02
CA GLN A 192 -12.30 -19.64 -3.59
C GLN A 192 -12.62 -18.22 -3.17
N ILE A 193 -12.41 -17.22 -4.02
CA ILE A 193 -12.59 -15.85 -3.54
C ILE A 193 -13.67 -15.14 -4.34
N LEU A 194 -13.79 -15.45 -5.64
CA LEU A 194 -14.73 -14.74 -6.51
C LEU A 194 -16.22 -14.97 -6.23
N PRO A 195 -16.68 -16.14 -5.73
CA PRO A 195 -18.14 -16.36 -5.66
C PRO A 195 -18.98 -15.27 -4.98
N VAL A 196 -18.53 -14.69 -3.87
CA VAL A 196 -19.34 -13.67 -3.20
C VAL A 196 -19.71 -12.55 -4.14
N LEU A 197 -18.79 -12.19 -5.03
CA LEU A 197 -19.01 -11.03 -5.90
C LEU A 197 -20.23 -11.19 -6.80
N ASN A 198 -20.70 -12.43 -7.04
CA ASN A 198 -21.94 -12.62 -7.79
C ASN A 198 -23.13 -11.95 -7.11
N ILE A 199 -23.22 -12.08 -5.79
CA ILE A 199 -24.28 -11.40 -5.03
C ILE A 199 -24.30 -9.91 -5.36
N PHE A 200 -23.13 -9.30 -5.48
CA PHE A 200 -23.00 -7.85 -5.62
C PHE A 200 -22.67 -7.40 -7.04
N LYS A 201 -22.45 -8.33 -7.97
CA LYS A 201 -22.34 -7.98 -9.37
C LYS A 201 -23.53 -7.14 -9.79
N ASN A 202 -23.29 -5.88 -10.16
CA ASN A 202 -24.38 -5.03 -10.67
C ASN A 202 -24.93 -5.57 -12.00
N ASN A 220 -19.40 2.55 -5.49
CA ASN A 220 -20.40 1.73 -6.17
C ASN A 220 -19.87 0.32 -6.48
N ILE A 221 -20.43 -0.67 -5.79
CA ILE A 221 -19.73 -1.94 -5.66
C ILE A 221 -19.71 -2.70 -6.98
N GLY A 222 -20.77 -2.55 -7.79
CA GLY A 222 -20.85 -3.31 -9.02
C GLY A 222 -19.71 -2.99 -9.98
N ASP A 223 -19.47 -1.70 -10.21
CA ASP A 223 -18.39 -1.30 -11.10
C ASP A 223 -17.02 -1.54 -10.49
N LEU A 224 -16.92 -1.64 -9.17
CA LEU A 224 -15.64 -1.97 -8.56
C LEU A 224 -15.33 -3.44 -8.73
N ILE A 225 -16.37 -4.28 -8.71
CA ILE A 225 -16.21 -5.69 -9.04
C ILE A 225 -15.76 -5.82 -10.50
N GLN A 226 -16.42 -5.12 -11.40
CA GLN A 226 -16.03 -5.17 -12.80
C GLN A 226 -14.60 -4.69 -12.98
N GLU A 227 -14.24 -3.59 -12.32
CA GLU A 227 -12.88 -3.08 -12.47
C GLU A 227 -11.87 -4.04 -11.86
N THR A 228 -12.23 -4.69 -10.74
CA THR A 228 -11.32 -5.64 -10.12
C THR A 228 -11.10 -6.86 -11.00
N LEU A 229 -12.19 -7.43 -11.54
CA LEU A 229 -12.07 -8.60 -12.41
C LEU A 229 -11.24 -8.30 -13.65
N GLU A 230 -11.33 -7.08 -14.18
CA GLU A 230 -10.49 -6.73 -15.32
C GLU A 230 -9.03 -6.66 -14.93
N ALA A 231 -8.72 -6.12 -13.75
CA ALA A 231 -7.37 -6.17 -13.21
C ALA A 231 -6.88 -7.61 -13.09
N PHE A 232 -7.72 -8.50 -12.53
CA PHE A 232 -7.36 -9.91 -12.45
C PHE A 232 -7.05 -10.49 -13.83
N GLU A 233 -7.95 -10.24 -14.78
CA GLU A 233 -7.75 -10.78 -16.12
C GLU A 233 -6.58 -10.13 -16.82
N ARG A 234 -6.44 -8.81 -16.69
CA ARG A 234 -5.33 -8.10 -17.32
C ARG A 234 -3.98 -8.67 -16.90
N TYR A 235 -3.81 -8.95 -15.61
CA TYR A 235 -2.55 -9.45 -15.09
C TYR A 235 -2.60 -10.93 -14.75
N GLY A 236 -3.55 -11.66 -15.31
CA GLY A 236 -3.75 -13.06 -14.97
C GLY A 236 -3.22 -14.08 -15.94
N GLY A 237 -2.64 -13.67 -17.07
CA GLY A 237 -2.19 -14.63 -18.04
C GLY A 237 -3.31 -15.20 -18.89
N GLU A 238 -2.96 -16.23 -19.66
CA GLU A 238 -3.85 -16.75 -20.70
C GLU A 238 -5.08 -17.44 -20.12
N ASN A 239 -4.97 -18.00 -18.92
CA ASN A 239 -6.05 -18.77 -18.32
C ASN A 239 -6.99 -17.92 -17.45
N ALA A 240 -6.85 -16.60 -17.47
CA ALA A 240 -7.54 -15.77 -16.49
C ALA A 240 -9.02 -15.62 -16.81
N PHE A 241 -9.36 -15.18 -18.02
CA PHE A 241 -10.77 -14.96 -18.37
C PHE A 241 -11.60 -16.22 -18.17
N ILE A 242 -11.17 -17.34 -18.76
CA ILE A 242 -11.97 -18.56 -18.63
C ILE A 242 -12.26 -18.85 -17.17
N ASN A 243 -11.26 -18.67 -16.30
CA ASN A 243 -11.46 -18.99 -14.89
C ASN A 243 -12.28 -17.91 -14.18
N ILE A 244 -12.21 -16.66 -14.64
CA ILE A 244 -13.14 -15.66 -14.13
C ILE A 244 -14.57 -15.99 -14.53
N LYS A 245 -14.77 -16.44 -15.77
CA LYS A 245 -16.13 -16.72 -16.28
C LYS A 245 -16.76 -17.95 -15.64
N TYR A 246 -15.97 -19.00 -15.41
CA TYR A 246 -16.52 -20.15 -14.68
C TYR A 246 -17.16 -19.70 -13.38
N VAL A 247 -16.46 -18.86 -12.62
CA VAL A 247 -16.98 -18.45 -11.34
C VAL A 247 -17.90 -17.22 -11.45
N VAL A 248 -17.68 -16.36 -12.44
CA VAL A 248 -18.59 -15.24 -12.65
C VAL A 248 -19.21 -15.37 -14.04
N PRO A 249 -20.31 -16.13 -14.18
CA PRO A 249 -20.85 -16.43 -15.53
C PRO A 249 -21.16 -15.21 -16.36
N THR A 250 -21.69 -14.16 -15.74
CA THR A 250 -22.03 -12.89 -16.38
C THR A 250 -20.82 -12.03 -16.74
N TYR A 251 -19.60 -12.42 -16.38
CA TYR A 251 -18.45 -11.56 -16.67
C TYR A 251 -18.26 -11.45 -18.17
N GLU A 252 -17.94 -10.23 -18.60
CA GLU A 252 -17.46 -10.00 -19.96
C GLU A 252 -16.50 -8.83 -19.91
N SER A 253 -15.47 -8.88 -20.75
CA SER A 253 -14.47 -7.82 -20.76
C SER A 253 -13.69 -7.87 -22.06
N CYS A 254 -13.66 -6.75 -22.77
CA CYS A 254 -12.78 -6.65 -23.94
C CYS A 254 -11.32 -6.53 -23.52
N LEU A 255 -11.03 -5.61 -22.61
CA LEU A 255 -9.65 -5.25 -22.31
C LEU A 255 -9.20 -5.57 -20.87
N ASP B 10 26.58 22.06 9.25
CA ASP B 10 26.18 23.45 9.44
C ASP B 10 26.10 24.15 8.08
N VAL B 11 25.82 23.38 7.03
CA VAL B 11 25.38 23.95 5.76
C VAL B 11 23.86 24.09 5.85
N LYS B 12 23.39 25.32 5.85
CA LYS B 12 21.99 25.63 6.10
C LYS B 12 21.48 26.52 4.98
N PRO B 13 20.20 26.43 4.64
CA PRO B 13 19.67 27.25 3.53
C PRO B 13 19.56 28.70 3.92
N LYS B 14 19.59 29.56 2.89
CA LYS B 14 19.53 31.00 3.12
C LYS B 14 18.10 31.47 3.32
N SER B 15 17.19 31.01 2.47
CA SER B 15 15.84 31.54 2.43
C SER B 15 14.89 30.44 2.00
N VAL B 16 13.61 30.65 2.27
CA VAL B 16 12.57 29.66 2.03
C VAL B 16 11.40 30.31 1.31
N SER B 17 10.93 29.66 0.25
CA SER B 17 9.71 30.01 -0.45
C SER B 17 8.78 28.80 -0.44
N HIS B 18 7.60 28.95 -1.05
CA HIS B 18 6.61 27.90 -1.15
C HIS B 18 6.33 27.58 -2.62
N ALA B 19 6.17 26.30 -2.91
CA ALA B 19 5.94 25.85 -4.29
C ALA B 19 4.62 26.40 -4.82
N LYS B 20 4.53 26.47 -6.14
CA LYS B 20 3.33 26.97 -6.81
C LYS B 20 2.85 26.09 -7.96
N LYS B 21 3.67 25.18 -8.46
CA LYS B 21 3.22 24.07 -9.30
C LYS B 21 4.02 22.83 -8.89
N TRP B 22 3.41 21.67 -9.05
CA TRP B 22 4.10 20.42 -8.72
C TRP B 22 5.29 20.21 -9.64
N SER B 23 6.28 19.47 -9.15
CA SER B 23 7.48 19.12 -9.92
C SER B 23 8.07 17.86 -9.31
N GLU B 24 8.99 17.23 -10.04
CA GLU B 24 9.77 16.15 -9.43
C GLU B 24 10.47 16.66 -8.19
N GLU B 25 11.07 17.84 -8.28
CA GLU B 25 11.72 18.43 -7.11
C GLU B 25 10.74 18.63 -5.98
N ILE B 26 9.54 19.14 -6.29
CA ILE B 26 8.56 19.41 -5.24
C ILE B 26 8.12 18.11 -4.60
N GLU B 27 7.99 17.04 -5.41
CA GLU B 27 7.57 15.76 -4.88
C GLU B 27 8.58 15.24 -3.87
N ASN B 28 9.87 15.28 -4.21
CA ASN B 28 10.87 14.77 -3.27
C ASN B 28 10.97 15.69 -2.05
N LEU B 29 10.88 17.00 -2.25
CA LEU B 29 10.83 17.93 -1.11
C LEU B 29 9.63 17.65 -0.22
N TYR B 30 8.48 17.35 -0.82
CA TYR B 30 7.31 16.93 -0.06
C TYR B 30 7.64 15.72 0.82
N ARG B 31 8.26 14.70 0.23
CA ARG B 31 8.52 13.45 0.93
C ARG B 31 9.57 13.64 2.04
N PHE B 32 10.58 14.49 1.82
CA PHE B 32 11.49 14.81 2.90
C PHE B 32 10.79 15.53 4.03
N GLN B 33 9.93 16.49 3.69
CA GLN B 33 9.30 17.29 4.72
C GLN B 33 8.20 16.53 5.44
N GLN B 34 7.60 15.53 4.79
CA GLN B 34 6.67 14.65 5.49
C GLN B 34 7.37 13.92 6.64
N ALA B 35 8.61 13.46 6.41
CA ALA B 35 9.37 12.75 7.42
C ALA B 35 10.10 13.70 8.37
N GLY B 36 9.94 15.01 8.23
CA GLY B 36 10.52 15.95 9.16
C GLY B 36 11.90 16.48 8.82
N TYR B 37 12.24 16.58 7.54
CA TYR B 37 13.52 17.09 7.09
C TYR B 37 13.26 18.14 6.01
N ARG B 38 14.03 19.25 6.05
CA ARG B 38 13.84 20.29 5.04
C ARG B 38 14.05 19.73 3.65
N ASP B 39 15.07 18.90 3.49
CA ASP B 39 15.51 18.37 2.20
C ASP B 39 16.52 17.27 2.47
N GLU B 40 17.17 16.78 1.40
CA GLU B 40 18.18 15.76 1.55
C GLU B 40 19.43 16.30 2.23
N THR B 41 19.64 17.61 2.20
CA THR B 41 20.80 18.17 2.88
C THR B 41 20.67 18.00 4.40
N GLU B 42 19.51 18.37 4.95
CA GLU B 42 19.32 18.17 6.38
C GLU B 42 19.25 16.70 6.73
N TYR B 43 18.57 15.90 5.90
CA TYR B 43 18.39 14.50 6.23
C TYR B 43 19.74 13.78 6.32
N ARG B 44 20.67 14.13 5.44
CA ARG B 44 22.01 13.53 5.51
C ARG B 44 22.82 14.11 6.66
N GLN B 45 22.57 15.36 7.03
CA GLN B 45 23.18 15.92 8.23
C GLN B 45 22.71 15.16 9.48
N VAL B 46 21.39 14.93 9.59
CA VAL B 46 20.84 14.37 10.83
C VAL B 46 21.15 12.88 10.96
N LYS B 47 21.09 12.15 9.87
CA LYS B 47 21.26 10.71 9.87
C LYS B 47 22.56 10.35 9.18
N GLN B 48 23.17 9.25 9.59
CA GLN B 48 24.35 8.74 8.91
C GLN B 48 23.85 8.04 7.66
N VAL B 49 24.05 8.64 6.50
CA VAL B 49 23.40 8.17 5.29
C VAL B 49 24.46 7.87 4.24
N SER B 50 24.48 6.63 3.74
CA SER B 50 25.25 6.29 2.54
C SER B 50 24.47 6.66 1.28
N MET B 51 23.31 6.03 1.08
CA MET B 51 22.43 6.34 -0.03
C MET B 51 21.05 6.68 0.53
N VAL B 52 20.29 7.48 -0.21
CA VAL B 52 18.88 7.66 0.02
C VAL B 52 18.15 6.71 -0.92
N ASP B 53 17.35 5.81 -0.37
CA ASP B 53 16.70 4.80 -1.20
C ASP B 53 15.62 5.46 -2.05
N ARG B 54 15.80 5.39 -3.37
CA ARG B 54 14.87 5.97 -4.33
C ARG B 54 14.27 4.89 -5.22
N TRP B 55 13.10 5.20 -5.78
CA TRP B 55 12.49 4.29 -6.72
C TRP B 55 13.29 4.25 -8.02
N PRO B 56 13.48 3.07 -8.61
CA PRO B 56 14.24 2.99 -9.86
C PRO B 56 13.63 3.80 -10.99
N GLU B 57 12.35 3.61 -11.27
CA GLU B 57 11.82 4.22 -12.50
C GLU B 57 11.60 5.71 -12.35
N THR B 58 11.22 6.16 -11.16
CA THR B 58 10.78 7.53 -10.97
C THR B 58 11.77 8.41 -10.19
N GLY B 59 12.79 7.83 -9.57
CA GLY B 59 13.72 8.60 -8.79
C GLY B 59 13.21 9.08 -7.45
N TYR B 60 11.90 9.02 -7.21
CA TYR B 60 11.32 9.56 -6.00
C TYR B 60 11.84 8.83 -4.77
N VAL B 61 11.89 9.56 -3.65
CA VAL B 61 12.30 8.99 -2.37
C VAL B 61 11.40 7.81 -2.02
N LYS B 62 12.01 6.70 -1.60
CA LYS B 62 11.29 5.46 -1.30
C LYS B 62 11.03 5.27 0.19
N LYS B 63 12.05 5.48 1.03
CA LYS B 63 11.87 5.39 2.45
C LYS B 63 12.83 6.36 3.13
N LEU B 64 12.41 6.82 4.32
CA LEU B 64 13.17 7.77 5.13
C LEU B 64 13.08 7.37 6.60
N GLN B 65 14.20 7.41 7.29
CA GLN B 65 14.22 7.15 8.72
C GLN B 65 13.98 8.44 9.47
N ARG B 66 12.88 8.50 10.21
CA ARG B 66 12.48 9.70 10.91
C ARG B 66 13.41 9.97 12.10
N ARG B 67 13.22 11.12 12.74
CA ARG B 67 14.09 11.50 13.85
C ARG B 67 13.99 10.53 15.01
N ASP B 68 12.79 10.00 15.28
CA ASP B 68 12.61 8.99 16.32
C ASP B 68 12.93 7.56 15.83
N ASN B 69 13.61 7.42 14.69
CA ASN B 69 14.09 6.17 14.10
C ASN B 69 12.97 5.27 13.55
N THR B 70 11.71 5.69 13.59
CA THR B 70 10.74 5.02 12.76
C THR B 70 10.98 5.39 11.30
N PHE B 71 10.31 4.68 10.39
CA PHE B 71 10.50 4.88 8.96
C PHE B 71 9.20 5.23 8.27
N TYR B 72 9.27 6.17 7.35
CA TYR B 72 8.20 6.46 6.42
C TYR B 72 8.51 5.83 5.07
N TYR B 73 7.51 5.21 4.46
CA TYR B 73 7.65 4.64 3.13
C TYR B 73 6.82 5.44 2.15
N TYR B 74 7.31 5.55 0.92
CA TYR B 74 6.66 6.40 -0.07
C TYR B 74 6.36 5.60 -1.33
N ASN B 75 5.21 5.92 -1.94
CA ASN B 75 4.73 5.21 -3.12
C ASN B 75 5.64 5.46 -4.32
N LYS B 76 5.70 4.47 -5.21
CA LYS B 76 6.44 4.62 -6.47
C LYS B 76 5.97 5.85 -7.25
N GLN B 77 4.66 6.05 -7.30
CA GLN B 77 4.12 7.17 -8.04
C GLN B 77 3.98 8.40 -7.13
N ARG B 78 3.62 9.53 -7.75
CA ARG B 78 3.43 10.78 -7.04
C ARG B 78 2.50 10.59 -5.84
N GLU B 79 2.82 11.27 -4.74
CA GLU B 79 1.98 11.28 -3.55
C GLU B 79 1.52 12.67 -3.18
N CYS B 80 2.24 13.71 -3.60
CA CYS B 80 1.91 15.08 -3.27
C CYS B 80 0.82 15.55 -4.24
N ASP B 81 -0.42 15.54 -3.78
CA ASP B 81 -1.53 16.00 -4.60
C ASP B 81 -1.46 17.51 -4.82
N ASP B 82 -2.26 18.01 -5.76
CA ASP B 82 -2.19 19.42 -6.10
C ASP B 82 -2.52 20.32 -4.91
N LYS B 83 -3.40 19.85 -4.02
CA LYS B 83 -3.76 20.64 -2.84
C LYS B 83 -2.57 20.87 -1.92
N GLU B 84 -1.62 19.94 -1.90
CA GLU B 84 -0.47 20.02 -0.99
C GLU B 84 0.70 20.79 -1.57
N VAL B 85 0.75 20.98 -2.89
CA VAL B 85 1.89 21.61 -3.55
C VAL B 85 2.27 22.93 -2.86
N HIS B 86 1.25 23.73 -2.55
CA HIS B 86 1.52 25.06 -2.00
C HIS B 86 2.15 25.01 -0.62
N LYS B 87 2.09 23.87 0.06
CA LYS B 87 2.65 23.72 1.40
C LYS B 87 4.12 23.29 1.40
N VAL B 88 4.64 22.80 0.27
CA VAL B 88 6.03 22.37 0.21
C VAL B 88 6.93 23.60 0.27
N LYS B 89 7.91 23.57 1.16
CA LYS B 89 8.84 24.67 1.31
C LYS B 89 10.07 24.43 0.44
N ILE B 90 10.52 25.48 -0.24
CA ILE B 90 11.64 25.42 -1.17
C ILE B 90 12.77 26.27 -0.60
N TYR B 91 13.88 25.62 -0.24
CA TYR B 91 14.97 26.26 0.48
C TYR B 91 16.10 26.57 -0.49
N ALA B 92 16.62 27.81 -0.41
CA ALA B 92 17.73 28.24 -1.24
C ALA B 92 19.01 28.16 -0.44
N TYR B 93 20.09 27.71 -1.10
CA TYR B 93 21.40 27.68 -0.43
C TYR B 93 22.37 28.65 -1.07
#